data_5WT4
#
_entry.id   5WT4
#
_cell.length_a   103.170
_cell.length_b   103.170
_cell.length_c   133.620
_cell.angle_alpha   90.00
_cell.angle_beta   90.00
_cell.angle_gamma   90.00
#
_symmetry.space_group_name_H-M   'P 41 21 2'
#
loop_
_entity.id
_entity.type
_entity.pdbx_description
1 polymer 'Cysteine desulfurase IscS'
2 non-polymer 'ISOPROPYL ALCOHOL'
3 non-polymer N-({3-HYDROXY-2-METHYL-5-[(PHOSPHONOOXY)METHYL]PYRIDIN-4-YL}METHYL)-L-CYSTEINE
4 water water
#
_entity_poly.entity_id   1
_entity_poly.type   'polypeptide(L)'
_entity_poly.pdbx_seq_one_letter_code
;MVQRIYLDNNATTRIDPKVKEIMDPFLRDHYGNPSSLHQFGTETHPAIAEALDKLYKGINARDIDDVIITSCATESNNWV
LKGVYFDECLKKGKNHIVTTVAEHPAVRSTCNFLESLGVEVTYLPINEHGSITAEQVREAITEKTALVSVMWANNETGLI
FPIEEIGAICKEKGVLFHTDAVQAIGKIPVDVLKANADFLSFSAHKFHGPKGIGGLYIRSGVGLTPLFHGGEHMNGRRSG
TLNVPYIVGMGEAMKLAVEHLDYEKEVVGKLRDKLEEALLKIPDVMVVGDRIHRVPNTTLVSVRGIEGEAMLWDLNRSNI
AASTGSACASEDLEANPVMVAIGASKELAHTAIRLSLSRFNTEAEIDKTIEVFSQAAVRLRNISSSYVDLVPRGSHHHHH
H
;
_entity_poly.pdbx_strand_id   A
#
loop_
_chem_comp.id
_chem_comp.type
_chem_comp.name
_chem_comp.formula
C6P non-polymer N-({3-HYDROXY-2-METHYL-5-[(PHOSPHONOOXY)METHYL]PYRIDIN-4-YL}METHYL)-L-CYSTEINE 'C11 H17 N2 O7 P S'
IPA non-polymer 'ISOPROPYL ALCOHOL' 'C3 H8 O'
#
# COMPACT_ATOMS: atom_id res chain seq x y z
N VAL A 2 27.18 13.56 8.86
CA VAL A 2 26.51 13.82 7.59
C VAL A 2 25.04 14.00 7.84
N GLN A 3 24.30 14.61 6.90
CA GLN A 3 22.86 14.85 7.03
C GLN A 3 22.28 14.33 5.72
N ARG A 4 21.67 13.16 5.80
CA ARG A 4 21.06 12.50 4.66
C ARG A 4 19.58 12.86 4.54
N ILE A 5 19.07 12.76 3.31
CA ILE A 5 17.69 13.13 2.96
C ILE A 5 16.99 11.89 2.42
N TYR A 6 15.89 11.49 3.07
CA TYR A 6 15.16 10.31 2.64
C TYR A 6 13.90 10.72 1.89
N LEU A 7 13.87 10.51 0.56
CA LEU A 7 12.69 10.79 -0.26
C LEU A 7 12.22 9.56 -1.03
N ASP A 8 12.19 8.40 -0.39
CA ASP A 8 11.80 7.14 -1.03
C ASP A 8 10.78 6.43 -0.18
N ASN A 9 9.75 7.15 0.29
CA ASN A 9 8.87 6.63 1.32
C ASN A 9 7.84 5.65 0.76
N ASN A 10 7.65 5.62 -0.56
CA ASN A 10 6.86 4.57 -1.17
C ASN A 10 7.58 3.23 -1.29
N ALA A 11 8.91 3.20 -1.10
CA ALA A 11 9.61 1.91 -1.06
C ALA A 11 9.55 1.31 0.34
N THR A 12 9.76 2.13 1.36
CA THR A 12 9.52 1.79 2.76
C THR A 12 9.80 3.07 3.53
N THR A 13 9.34 3.09 4.79
CA THR A 13 9.40 4.27 5.63
C THR A 13 10.19 3.99 6.91
N ARG A 14 10.48 5.07 7.62
CA ARG A 14 11.11 4.99 8.93
C ARG A 14 10.08 4.62 9.98
N ILE A 15 10.49 3.73 10.89
CA ILE A 15 9.65 3.42 12.04
C ILE A 15 9.56 4.64 12.93
N ASP A 16 8.33 5.04 13.29
CA ASP A 16 8.15 6.15 14.22
C ASP A 16 8.73 5.74 15.57
N PRO A 17 9.48 6.62 16.24
CA PRO A 17 10.06 6.24 17.56
C PRO A 17 9.04 5.74 18.58
N LYS A 18 7.84 6.29 18.56
CA LYS A 18 6.77 5.84 19.44
C LYS A 18 6.35 4.42 19.15
N VAL A 19 6.45 4.01 17.89
CA VAL A 19 6.12 2.66 17.50
C VAL A 19 7.18 1.71 18.05
N LYS A 20 8.46 2.07 17.86
CA LYS A 20 9.53 1.26 18.43
C LYS A 20 9.37 1.14 19.94
N GLU A 21 9.16 2.26 20.63
CA GLU A 21 8.96 2.23 22.07
C GLU A 21 7.84 1.27 22.46
N ILE A 22 6.69 1.34 21.77
CA ILE A 22 5.60 0.47 22.16
C ILE A 22 5.93 -0.98 21.83
N MET A 23 6.84 -1.23 20.89
CA MET A 23 7.19 -2.61 20.63
C MET A 23 8.21 -3.19 21.62
N ASP A 24 9.09 -2.38 22.19
CA ASP A 24 10.20 -2.91 23.00
C ASP A 24 9.79 -3.89 24.09
N PRO A 25 8.78 -3.62 24.92
CA PRO A 25 8.48 -4.57 26.00
C PRO A 25 8.13 -5.95 25.49
N PHE A 26 7.58 -6.07 24.28
CA PHE A 26 7.29 -7.41 23.80
C PHE A 26 8.48 -8.06 23.11
N LEU A 27 9.56 -7.31 22.87
CA LEU A 27 10.86 -7.86 22.53
C LEU A 27 11.72 -8.13 23.75
N ARG A 28 11.25 -7.75 24.93
CA ARG A 28 12.06 -7.87 26.12
C ARG A 28 11.43 -8.93 27.02
N ASP A 29 10.68 -8.52 28.06
CA ASP A 29 10.23 -9.44 29.09
C ASP A 29 8.84 -10.05 28.88
N HIS A 30 8.05 -9.60 27.90
CA HIS A 30 6.71 -10.14 27.66
C HIS A 30 6.72 -11.00 26.41
N TYR A 31 7.45 -12.12 26.50
CA TYR A 31 7.72 -13.00 25.38
C TYR A 31 6.77 -14.21 25.28
N GLY A 32 5.66 -14.20 26.00
CA GLY A 32 4.76 -15.35 26.01
C GLY A 32 4.02 -15.53 24.68
N ASN A 33 3.72 -16.79 24.37
CA ASN A 33 2.89 -17.14 23.22
C ASN A 33 1.44 -16.79 23.56
N PRO A 34 0.78 -15.90 22.81
CA PRO A 34 -0.59 -15.50 23.18
C PRO A 34 -1.58 -16.67 23.19
N SER A 35 -1.25 -17.79 22.56
CA SER A 35 -2.10 -18.98 22.61
C SER A 35 -1.96 -19.76 23.90
N SER A 36 -0.91 -19.53 24.67
CA SER A 36 -0.72 -20.21 25.96
C SER A 36 -1.82 -19.80 26.93
N LEU A 37 -2.19 -20.74 27.80
CA LEU A 37 -3.23 -20.49 28.80
C LEU A 37 -2.69 -19.87 30.07
N HIS A 38 -1.38 -19.98 30.31
CA HIS A 38 -0.80 -19.41 31.50
C HIS A 38 -0.63 -17.90 31.35
N GLN A 39 -0.04 -17.33 32.40
CA GLN A 39 0.03 -15.88 32.54
C GLN A 39 0.92 -15.21 31.49
N PHE A 40 1.95 -15.90 31.01
CA PHE A 40 2.80 -15.34 29.95
C PHE A 40 2.02 -15.14 28.67
N GLY A 41 0.99 -15.95 28.47
CA GLY A 41 0.13 -15.86 27.31
C GLY A 41 -0.96 -14.80 27.43
N THR A 42 -1.84 -14.98 28.43
CA THR A 42 -2.93 -14.04 28.65
C THR A 42 -2.43 -12.65 29.00
N GLU A 43 -1.18 -12.56 29.46
CA GLU A 43 -0.56 -11.28 29.78
C GLU A 43 -0.43 -10.36 28.56
N THR A 44 -0.34 -10.93 27.36
CA THR A 44 -0.20 -10.17 26.13
C THR A 44 -1.53 -9.74 25.52
N HIS A 45 -2.64 -10.24 26.02
CA HIS A 45 -3.93 -10.05 25.36
C HIS A 45 -4.40 -8.60 25.32
N PRO A 46 -4.30 -7.83 26.41
CA PRO A 46 -4.79 -6.44 26.33
C PRO A 46 -4.13 -5.61 25.26
N ALA A 47 -2.80 -5.72 25.11
CA ALA A 47 -2.08 -4.93 24.11
C ALA A 47 -2.46 -5.37 22.70
N ILE A 48 -2.65 -6.68 22.49
CA ILE A 48 -3.10 -7.17 21.20
C ILE A 48 -4.47 -6.60 20.87
N ALA A 49 -5.38 -6.60 21.85
CA ALA A 49 -6.72 -6.10 21.61
C ALA A 49 -6.71 -4.63 21.25
N GLU A 50 -5.85 -3.87 21.91
CA GLU A 50 -5.76 -2.43 21.62
C GLU A 50 -5.21 -2.19 20.22
N ALA A 51 -4.18 -2.96 19.83
CA ALA A 51 -3.63 -2.82 18.48
C ALA A 51 -4.67 -3.17 17.42
N LEU A 52 -5.33 -4.32 17.58
CA LEU A 52 -6.36 -4.70 16.63
C LEU A 52 -7.48 -3.67 16.55
N ASP A 53 -7.90 -3.14 17.71
CA ASP A 53 -8.91 -2.09 17.76
C ASP A 53 -8.46 -0.88 16.93
N LYS A 54 -7.19 -0.47 17.10
CA LYS A 54 -6.64 0.63 16.33
C LYS A 54 -6.69 0.35 14.84
N LEU A 55 -6.45 -0.90 14.44
CA LEU A 55 -6.50 -1.22 13.02
C LEU A 55 -7.92 -1.09 12.49
N TYR A 56 -8.88 -1.72 13.18
CA TYR A 56 -10.30 -1.65 12.81
C TYR A 56 -10.73 -0.21 12.62
N LYS A 57 -10.48 0.62 13.66
CA LYS A 57 -10.86 2.02 13.64
C LYS A 57 -10.09 2.77 12.56
N GLY A 58 -8.89 2.28 12.24
CA GLY A 58 -8.06 2.89 11.23
C GLY A 58 -8.67 2.81 9.86
N ILE A 59 -9.32 1.69 9.53
CA ILE A 59 -9.92 1.58 8.22
C ILE A 59 -11.45 1.58 8.29
N ASN A 60 -12.01 2.00 9.42
CA ASN A 60 -13.47 2.03 9.61
C ASN A 60 -14.07 0.65 9.40
N ALA A 61 -13.35 -0.38 9.83
CA ALA A 61 -13.88 -1.74 9.79
C ALA A 61 -14.88 -1.91 10.92
N ARG A 62 -15.91 -2.72 10.67
CA ARG A 62 -16.88 -2.94 11.71
C ARG A 62 -16.41 -4.08 12.59
N ASP A 63 -16.96 -4.11 13.80
CA ASP A 63 -16.65 -5.17 14.74
C ASP A 63 -17.03 -6.55 14.18
N ILE A 64 -18.05 -6.59 13.32
CA ILE A 64 -18.52 -7.84 12.70
C ILE A 64 -17.54 -8.33 11.64
N ASP A 65 -16.66 -7.44 11.15
CA ASP A 65 -15.68 -7.74 10.12
C ASP A 65 -14.43 -8.36 10.73
N ASP A 66 -13.56 -8.89 9.88
CA ASP A 66 -12.26 -9.41 10.30
C ASP A 66 -11.16 -8.49 9.75
N VAL A 67 -10.15 -8.21 10.57
CA VAL A 67 -8.90 -7.63 10.09
C VAL A 67 -7.81 -8.61 10.47
N ILE A 68 -7.49 -9.54 9.58
CA ILE A 68 -6.54 -10.61 9.86
C ILE A 68 -5.12 -10.10 9.70
N ILE A 69 -4.28 -10.44 10.68
CA ILE A 69 -2.86 -10.09 10.68
C ILE A 69 -2.12 -11.04 9.73
N THR A 70 -1.40 -10.49 8.76
CA THR A 70 -0.55 -11.26 7.87
C THR A 70 0.89 -10.82 8.06
N SER A 71 1.79 -11.40 7.27
CA SER A 71 3.20 -11.09 7.38
C SER A 71 3.64 -9.98 6.44
N CYS A 72 2.75 -9.55 5.53
CA CYS A 72 3.00 -8.45 4.60
C CYS A 72 1.84 -8.36 3.61
N ALA A 73 1.81 -7.28 2.83
CA ALA A 73 0.78 -7.13 1.82
C ALA A 73 0.89 -8.19 0.73
N THR A 74 2.10 -8.66 0.45
CA THR A 74 2.27 -9.71 -0.55
C THR A 74 1.50 -10.96 -0.13
N GLU A 75 1.53 -11.28 1.17
CA GLU A 75 0.75 -12.41 1.66
C GLU A 75 -0.74 -12.16 1.48
N SER A 76 -1.20 -10.95 1.79
CA SER A 76 -2.62 -10.62 1.65
C SER A 76 -3.06 -10.77 0.20
N ASN A 77 -2.26 -10.28 -0.74
CA ASN A 77 -2.64 -10.34 -2.15
C ASN A 77 -2.63 -11.78 -2.67
N ASN A 78 -1.57 -12.54 -2.38
CA ASN A 78 -1.56 -13.95 -2.76
C ASN A 78 -2.76 -14.69 -2.17
N TRP A 79 -3.09 -14.38 -0.91
CA TRP A 79 -4.19 -15.06 -0.24
C TRP A 79 -5.54 -14.75 -0.87
N VAL A 80 -5.82 -13.48 -1.17
CA VAL A 80 -7.09 -13.18 -1.83
C VAL A 80 -7.17 -13.91 -3.16
N LEU A 81 -6.16 -13.73 -4.02
CA LEU A 81 -6.29 -14.25 -5.38
C LEU A 81 -6.35 -15.78 -5.42
N LYS A 82 -5.48 -16.46 -4.68
CA LYS A 82 -5.50 -17.93 -4.73
C LYS A 82 -6.70 -18.50 -3.98
N GLY A 83 -7.08 -17.85 -2.87
CA GLY A 83 -8.26 -18.26 -2.14
C GLY A 83 -9.54 -18.16 -2.96
N VAL A 84 -9.73 -17.01 -3.61
CA VAL A 84 -10.90 -16.83 -4.48
C VAL A 84 -10.78 -17.70 -5.73
N TYR A 85 -9.56 -18.11 -6.09
CA TYR A 85 -9.38 -19.10 -7.15
C TYR A 85 -9.99 -20.44 -6.77
N PHE A 86 -9.75 -20.88 -5.54
CA PHE A 86 -10.30 -22.16 -5.11
C PHE A 86 -11.78 -22.08 -4.83
N ASP A 87 -12.25 -20.98 -4.24
CA ASP A 87 -13.65 -20.97 -3.82
C ASP A 87 -14.58 -20.74 -5.01
N GLU A 88 -14.28 -19.75 -5.84
CA GLU A 88 -15.25 -19.39 -6.87
C GLU A 88 -14.87 -19.85 -8.27
N CYS A 89 -13.62 -20.21 -8.52
CA CYS A 89 -13.32 -20.57 -9.89
C CYS A 89 -13.43 -22.07 -10.03
N LEU A 90 -12.81 -22.80 -9.13
CA LEU A 90 -12.90 -24.26 -9.21
C LEU A 90 -14.22 -24.78 -8.64
N LYS A 91 -14.73 -24.14 -7.58
CA LYS A 91 -15.93 -24.73 -6.96
C LYS A 91 -17.26 -24.11 -7.38
N LYS A 92 -17.25 -22.87 -7.84
CA LYS A 92 -18.48 -22.21 -8.22
C LYS A 92 -18.50 -21.96 -9.73
N GLY A 93 -17.44 -22.38 -10.44
CA GLY A 93 -17.28 -22.26 -11.90
C GLY A 93 -17.13 -20.88 -12.49
N LYS A 94 -17.08 -19.92 -11.60
CA LYS A 94 -16.86 -18.51 -11.92
C LYS A 94 -15.38 -18.24 -12.12
N ASN A 95 -14.90 -18.65 -13.31
CA ASN A 95 -13.50 -18.69 -13.74
C ASN A 95 -13.01 -17.39 -14.37
N HIS A 96 -13.34 -16.21 -13.85
CA HIS A 96 -12.84 -14.99 -14.47
C HIS A 96 -12.47 -13.96 -13.41
N ILE A 97 -11.33 -13.29 -13.60
CA ILE A 97 -10.86 -12.23 -12.70
C ILE A 97 -10.45 -11.01 -13.52
N VAL A 98 -10.89 -9.81 -13.10
CA VAL A 98 -10.46 -8.57 -13.75
C VAL A 98 -9.56 -7.78 -12.80
N THR A 99 -8.46 -7.24 -13.35
CA THR A 99 -7.54 -6.41 -12.59
C THR A 99 -6.91 -5.39 -13.56
N THR A 100 -5.88 -4.67 -13.11
CA THR A 100 -5.22 -3.64 -13.91
C THR A 100 -3.75 -3.98 -14.14
N VAL A 101 -3.17 -3.31 -15.13
CA VAL A 101 -1.75 -3.42 -15.41
C VAL A 101 -0.90 -2.64 -14.42
N ALA A 102 -1.51 -1.77 -13.60
CA ALA A 102 -0.73 -0.98 -12.65
C ALA A 102 -0.52 -1.66 -11.31
N GLU A 103 -1.13 -2.82 -11.08
CA GLU A 103 -1.06 -3.49 -9.78
C GLU A 103 0.36 -3.94 -9.45
N HIS A 104 0.63 -4.00 -8.15
CA HIS A 104 1.91 -4.49 -7.66
C HIS A 104 2.16 -5.91 -8.17
N PRO A 105 3.43 -6.27 -8.41
CA PRO A 105 3.76 -7.63 -8.90
C PRO A 105 3.23 -8.77 -8.04
N ALA A 106 2.98 -8.49 -6.77
CA ALA A 106 2.39 -9.50 -5.90
C ALA A 106 1.01 -9.91 -6.36
N VAL A 107 0.29 -9.02 -7.05
CA VAL A 107 -1.02 -9.35 -7.59
C VAL A 107 -0.93 -9.90 -9.01
N ARG A 108 -0.16 -9.20 -9.86
CA ARG A 108 -0.11 -9.54 -11.27
C ARG A 108 0.60 -10.86 -11.52
N SER A 109 1.70 -11.11 -10.80
CA SER A 109 2.44 -12.35 -11.02
C SER A 109 1.64 -13.57 -10.58
N THR A 110 0.94 -13.48 -9.45
CA THR A 110 0.06 -14.57 -9.04
C THR A 110 -1.06 -14.76 -10.05
N CYS A 111 -1.61 -13.67 -10.58
CA CYS A 111 -2.63 -13.77 -11.62
C CYS A 111 -2.08 -14.52 -12.84
N ASN A 112 -0.80 -14.29 -13.14
CA ASN A 112 -0.15 -15.04 -14.22
C ASN A 112 -0.13 -16.52 -13.89
N PHE A 113 0.15 -16.84 -12.64
CA PHE A 113 0.12 -18.24 -12.23
C PHE A 113 -1.27 -18.85 -12.39
N LEU A 114 -2.33 -18.10 -12.02
CA LEU A 114 -3.68 -18.62 -12.22
C LEU A 114 -3.99 -18.80 -13.70
N GLU A 115 -3.46 -17.93 -14.56
CA GLU A 115 -3.62 -18.14 -15.99
C GLU A 115 -2.96 -19.44 -16.42
N SER A 116 -1.77 -19.72 -15.86
CA SER A 116 -1.06 -20.95 -16.19
C SER A 116 -1.87 -22.17 -15.78
N LEU A 117 -2.74 -22.04 -14.77
CA LEU A 117 -3.60 -23.13 -14.35
C LEU A 117 -4.88 -23.18 -15.15
N GLY A 118 -5.11 -22.19 -15.99
CA GLY A 118 -6.29 -22.09 -16.85
C GLY A 118 -7.31 -21.00 -16.58
N VAL A 119 -7.13 -20.16 -15.56
CA VAL A 119 -8.06 -19.06 -15.32
C VAL A 119 -7.85 -17.94 -16.33
N GLU A 120 -8.96 -17.37 -16.81
CA GLU A 120 -8.90 -16.22 -17.72
C GLU A 120 -8.98 -14.93 -16.93
N VAL A 121 -7.93 -14.12 -17.03
CA VAL A 121 -7.76 -12.84 -16.36
C VAL A 121 -7.47 -11.77 -17.41
N THR A 122 -8.21 -10.66 -17.36
CA THR A 122 -8.01 -9.49 -18.20
C THR A 122 -7.33 -8.40 -17.38
N TYR A 123 -6.17 -7.93 -17.84
CA TYR A 123 -5.47 -6.82 -17.17
C TYR A 123 -5.88 -5.55 -17.88
N LEU A 124 -6.65 -4.72 -17.19
CA LEU A 124 -7.16 -3.51 -17.80
C LEU A 124 -6.06 -2.53 -18.16
N PRO A 125 -6.06 -2.01 -19.38
CA PRO A 125 -5.06 -1.02 -19.81
C PRO A 125 -5.32 0.37 -19.25
N ILE A 126 -4.22 1.08 -18.96
CA ILE A 126 -4.29 2.46 -18.47
C ILE A 126 -4.64 3.43 -19.59
N ASN A 127 -5.33 4.51 -19.22
CA ASN A 127 -5.71 5.53 -20.18
C ASN A 127 -4.74 6.70 -20.15
N GLU A 128 -4.99 7.73 -20.98
CA GLU A 128 -4.07 8.86 -21.02
C GLU A 128 -4.05 9.74 -19.78
N HIS A 129 -5.14 9.86 -19.01
CA HIS A 129 -5.02 10.66 -17.80
C HIS A 129 -4.23 9.93 -16.73
N GLY A 130 -3.74 8.72 -17.04
CA GLY A 130 -3.01 7.87 -16.11
C GLY A 130 -3.77 7.15 -15.01
N SER A 131 -5.11 7.07 -15.06
CA SER A 131 -5.91 6.46 -14.01
C SER A 131 -6.87 5.46 -14.66
N ILE A 132 -7.61 4.68 -13.89
CA ILE A 132 -8.71 3.92 -14.48
C ILE A 132 -10.06 4.54 -14.16
N THR A 133 -10.98 4.44 -15.12
CA THR A 133 -12.44 4.64 -14.99
C THR A 133 -13.20 3.36 -14.62
N ALA A 134 -14.31 3.55 -13.91
CA ALA A 134 -15.05 2.47 -13.28
C ALA A 134 -15.85 1.71 -14.35
N GLU A 135 -16.32 2.46 -15.34
CA GLU A 135 -16.97 1.90 -16.52
C GLU A 135 -16.05 0.91 -17.24
N GLN A 136 -14.72 1.10 -17.15
CA GLN A 136 -13.83 0.17 -17.84
C GLN A 136 -14.06 -1.20 -17.22
N VAL A 137 -14.03 -1.27 -15.88
CA VAL A 137 -14.32 -2.54 -15.22
C VAL A 137 -15.72 -3.06 -15.61
N ARG A 138 -16.74 -2.17 -15.72
CA ARG A 138 -18.06 -2.70 -16.11
C ARG A 138 -18.01 -3.40 -17.46
N GLU A 139 -17.44 -2.72 -18.44
CA GLU A 139 -17.26 -3.34 -19.74
C GLU A 139 -16.50 -4.65 -19.61
N ALA A 140 -15.57 -4.73 -18.65
CA ALA A 140 -14.86 -6.00 -18.63
C ALA A 140 -15.53 -7.02 -17.72
N ILE A 141 -16.39 -6.60 -16.78
CA ILE A 141 -17.08 -7.56 -15.91
C ILE A 141 -18.15 -8.33 -16.71
N THR A 142 -18.00 -9.66 -16.74
CA THR A 142 -18.98 -10.66 -17.22
C THR A 142 -19.62 -11.41 -16.05
N GLU A 143 -20.65 -12.20 -16.37
CA GLU A 143 -21.35 -13.05 -15.40
C GLU A 143 -20.51 -14.23 -14.92
N LYS A 144 -19.23 -14.32 -15.30
CA LYS A 144 -18.31 -15.36 -14.82
C LYS A 144 -17.13 -14.79 -14.05
N THR A 145 -17.16 -13.49 -13.76
CA THR A 145 -16.13 -12.82 -12.97
C THR A 145 -16.31 -13.14 -11.48
N ALA A 146 -15.31 -13.78 -10.86
CA ALA A 146 -15.40 -13.99 -9.43
C ALA A 146 -14.99 -12.76 -8.63
N LEU A 147 -14.01 -12.01 -9.12
CA LEU A 147 -13.38 -10.93 -8.35
C LEU A 147 -12.79 -9.87 -9.27
N VAL A 148 -12.96 -8.61 -8.88
CA VAL A 148 -12.25 -7.45 -9.42
C VAL A 148 -11.27 -6.94 -8.37
N SER A 149 -10.03 -6.66 -8.79
CA SER A 149 -8.96 -6.20 -7.91
C SER A 149 -8.29 -4.98 -8.53
N VAL A 150 -8.50 -3.82 -7.93
CA VAL A 150 -7.91 -2.56 -8.38
C VAL A 150 -7.28 -1.86 -7.17
N MET A 151 -6.01 -1.48 -7.30
CA MET A 151 -5.31 -0.83 -6.20
C MET A 151 -5.91 0.54 -5.92
N TRP A 152 -5.81 0.94 -4.66
CA TRP A 152 -6.36 2.22 -4.24
C TRP A 152 -5.52 3.38 -4.77
N ALA A 153 -4.20 3.30 -4.61
CA ALA A 153 -3.26 4.29 -5.10
C ALA A 153 -2.07 3.57 -5.72
N ASN A 154 -1.60 4.08 -6.86
CA ASN A 154 -0.49 3.45 -7.58
C ASN A 154 0.83 3.76 -6.89
N ASN A 155 1.72 2.76 -6.79
CA ASN A 155 2.95 3.00 -6.04
C ASN A 155 3.97 3.79 -6.84
N GLU A 156 3.89 3.79 -8.16
CA GLU A 156 4.94 4.48 -8.91
C GLU A 156 4.56 5.94 -9.14
N THR A 157 3.30 6.21 -9.44
CA THR A 157 2.87 7.57 -9.75
C THR A 157 2.06 8.28 -8.67
N GLY A 158 1.52 7.56 -7.68
CA GLY A 158 0.61 8.14 -6.69
C GLY A 158 -0.85 8.41 -7.05
N LEU A 159 -1.35 8.05 -8.25
CA LEU A 159 -2.72 8.44 -8.62
C LEU A 159 -3.76 7.65 -7.83
N ILE A 160 -4.78 8.35 -7.31
CA ILE A 160 -5.85 7.70 -6.57
C ILE A 160 -6.93 7.24 -7.55
N PHE A 161 -7.31 5.96 -7.47
CA PHE A 161 -8.32 5.34 -8.32
C PHE A 161 -9.73 5.40 -7.70
N PRO A 162 -10.78 5.31 -8.55
CA PRO A 162 -12.22 5.42 -8.18
C PRO A 162 -12.69 4.13 -7.51
N ILE A 163 -12.06 3.78 -6.40
CA ILE A 163 -12.53 2.64 -5.61
C ILE A 163 -13.99 2.76 -5.21
N GLU A 164 -14.46 3.93 -4.81
CA GLU A 164 -15.83 4.04 -4.33
C GLU A 164 -16.81 3.55 -5.41
N GLU A 165 -16.75 4.17 -6.58
CA GLU A 165 -17.59 3.83 -7.71
C GLU A 165 -17.44 2.38 -8.17
N ILE A 166 -16.22 1.87 -8.20
CA ILE A 166 -16.02 0.45 -8.49
C ILE A 166 -16.70 -0.44 -7.44
N GLY A 167 -16.63 -0.05 -6.17
CA GLY A 167 -17.33 -0.82 -5.14
C GLY A 167 -18.82 -0.82 -5.34
N ALA A 168 -19.38 0.27 -5.84
CA ALA A 168 -20.82 0.31 -6.13
C ALA A 168 -21.17 -0.59 -7.31
N ILE A 169 -20.36 -0.54 -8.37
CA ILE A 169 -20.57 -1.43 -9.52
C ILE A 169 -20.50 -2.90 -9.10
N CYS A 170 -19.45 -3.25 -8.32
CA CYS A 170 -19.27 -4.62 -7.86
C CYS A 170 -20.40 -5.07 -6.95
N LYS A 171 -20.92 -4.16 -6.16
CA LYS A 171 -22.04 -4.41 -5.26
C LYS A 171 -23.34 -4.64 -6.05
N GLU A 172 -23.55 -3.84 -7.11
CA GLU A 172 -24.76 -4.01 -7.93
C GLU A 172 -24.74 -5.33 -8.66
N LYS A 173 -23.56 -5.77 -9.06
CA LYS A 173 -23.45 -6.98 -9.87
C LYS A 173 -23.04 -8.23 -9.09
N GLY A 174 -22.82 -8.12 -7.79
CA GLY A 174 -22.53 -9.32 -7.04
C GLY A 174 -21.23 -10.04 -7.33
N VAL A 175 -20.14 -9.30 -7.50
CA VAL A 175 -18.81 -9.87 -7.75
C VAL A 175 -17.90 -9.42 -6.60
N LEU A 176 -17.04 -10.31 -6.12
CA LEU A 176 -16.16 -9.95 -5.02
C LEU A 176 -15.23 -8.81 -5.42
N PHE A 177 -14.97 -7.90 -4.47
CA PHE A 177 -14.14 -6.73 -4.69
C PHE A 177 -12.98 -6.75 -3.70
N HIS A 178 -11.76 -6.73 -4.23
CA HIS A 178 -10.57 -6.57 -3.43
C HIS A 178 -9.80 -5.34 -3.85
N THR A 179 -9.27 -4.58 -2.89
CA THR A 179 -8.42 -3.44 -3.21
C THR A 179 -7.13 -3.52 -2.41
N ASP A 180 -6.00 -3.51 -3.13
CA ASP A 180 -4.69 -3.30 -2.52
C ASP A 180 -4.52 -1.82 -2.18
N ALA A 181 -4.61 -1.49 -0.89
CA ALA A 181 -4.60 -0.09 -0.45
C ALA A 181 -3.32 0.32 0.27
N VAL A 182 -2.21 -0.39 0.05
CA VAL A 182 -1.02 -0.18 0.89
C VAL A 182 -0.57 1.28 0.80
N GLN A 183 -0.52 1.83 -0.41
CA GLN A 183 -0.04 3.18 -0.59
C GLN A 183 -1.04 4.23 -0.10
N ALA A 184 -2.27 3.85 0.26
CA ALA A 184 -3.25 4.83 0.70
C ALA A 184 -3.23 5.12 2.21
N ILE A 185 -2.87 4.14 3.04
CA ILE A 185 -2.89 4.30 4.50
C ILE A 185 -1.91 5.38 4.95
N GLY A 186 -2.43 6.34 5.73
CA GLY A 186 -1.64 7.44 6.23
C GLY A 186 -1.45 8.58 5.26
N LYS A 187 -1.87 8.39 4.01
CA LYS A 187 -1.80 9.41 2.97
C LYS A 187 -3.17 10.04 2.73
N ILE A 188 -4.19 9.21 2.57
CA ILE A 188 -5.57 9.65 2.37
C ILE A 188 -6.51 8.85 3.26
N PRO A 189 -7.70 9.39 3.53
CA PRO A 189 -8.69 8.61 4.29
C PRO A 189 -9.08 7.29 3.62
N VAL A 190 -9.10 6.22 4.43
CA VAL A 190 -9.46 4.89 3.94
C VAL A 190 -10.69 4.40 4.69
N ASP A 191 -11.75 4.04 3.95
CA ASP A 191 -13.02 3.60 4.54
C ASP A 191 -13.50 2.38 3.76
N VAL A 192 -13.42 1.20 4.38
CA VAL A 192 -13.81 -0.04 3.73
C VAL A 192 -15.31 -0.07 3.45
N LEU A 193 -16.10 0.66 4.25
CA LEU A 193 -17.55 0.68 4.04
C LEU A 193 -17.93 1.51 2.82
N LYS A 194 -17.42 2.75 2.71
CA LYS A 194 -17.66 3.55 1.51
C LYS A 194 -17.11 2.85 0.27
N ALA A 195 -16.00 2.12 0.40
CA ALA A 195 -15.49 1.41 -0.76
C ALA A 195 -16.32 0.17 -1.10
N ASN A 196 -17.17 -0.28 -0.16
CA ASN A 196 -17.89 -1.58 -0.27
C ASN A 196 -16.92 -2.68 -0.68
N ALA A 197 -15.78 -2.70 0.01
CA ALA A 197 -14.73 -3.67 -0.26
C ALA A 197 -15.03 -4.96 0.49
N ASP A 198 -14.84 -6.07 -0.21
CA ASP A 198 -14.84 -7.39 0.39
C ASP A 198 -13.46 -7.75 0.96
N PHE A 199 -12.40 -7.36 0.27
CA PHE A 199 -11.02 -7.57 0.70
C PHE A 199 -10.25 -6.27 0.62
N LEU A 200 -9.37 -6.05 1.59
CA LEU A 200 -8.48 -4.89 1.56
C LEU A 200 -7.09 -5.30 2.06
N SER A 201 -6.06 -4.91 1.33
CA SER A 201 -4.69 -5.26 1.73
C SER A 201 -3.98 -4.06 2.32
N PHE A 202 -3.03 -4.33 3.24
CA PHE A 202 -2.10 -3.29 3.65
C PHE A 202 -0.84 -3.93 4.21
N SER A 203 0.19 -3.10 4.36
CA SER A 203 1.50 -3.50 4.84
C SER A 203 2.01 -2.40 5.75
N ALA A 204 2.54 -2.79 6.92
CA ALA A 204 2.85 -1.83 7.97
C ALA A 204 3.94 -0.85 7.56
N HIS A 205 4.99 -1.34 6.93
CA HIS A 205 6.19 -0.53 6.71
C HIS A 205 5.95 0.63 5.70
N LYS A 206 4.76 0.77 5.12
CA LYS A 206 4.42 1.95 4.33
C LYS A 206 3.80 3.08 5.13
N PHE A 207 3.46 2.86 6.40
CA PHE A 207 3.02 3.94 7.27
C PHE A 207 3.77 3.87 8.60
N HIS A 208 5.10 3.72 8.50
CA HIS A 208 6.03 3.93 9.60
C HIS A 208 5.95 2.84 10.66
N GLY A 209 5.50 1.65 10.25
CA GLY A 209 5.68 0.46 11.04
C GLY A 209 6.80 -0.38 10.46
N PRO A 210 7.06 -1.54 11.08
CA PRO A 210 8.16 -2.39 10.64
C PRO A 210 7.82 -3.20 9.38
N LYS A 211 8.85 -3.53 8.63
CA LYS A 211 8.75 -4.47 7.54
C LYS A 211 8.41 -5.84 8.11
N GLY A 212 7.65 -6.62 7.37
CA GLY A 212 7.35 -7.98 7.78
C GLY A 212 6.07 -8.15 8.57
N ILE A 213 5.10 -7.25 8.42
CA ILE A 213 3.76 -7.50 8.92
C ILE A 213 2.80 -6.73 8.04
N GLY A 214 1.65 -7.34 7.77
CA GLY A 214 0.64 -6.74 6.93
C GLY A 214 -0.73 -7.07 7.46
N GLY A 215 -1.75 -6.70 6.71
CA GLY A 215 -3.11 -6.94 7.12
C GLY A 215 -4.03 -7.19 5.94
N LEU A 216 -4.99 -8.09 6.14
CA LEU A 216 -6.04 -8.31 5.16
C LEU A 216 -7.37 -8.12 5.87
N TYR A 217 -8.09 -7.08 5.50
CA TYR A 217 -9.46 -6.89 5.94
C TYR A 217 -10.37 -7.79 5.13
N ILE A 218 -11.15 -8.62 5.82
CA ILE A 218 -12.16 -9.44 5.17
C ILE A 218 -13.49 -9.02 5.74
N ARG A 219 -14.40 -8.60 4.88
CA ARG A 219 -15.72 -8.20 5.32
C ARG A 219 -16.47 -9.42 5.84
N SER A 220 -17.34 -9.18 6.81
CA SER A 220 -18.17 -10.23 7.39
C SER A 220 -18.91 -11.06 6.37
N GLY A 221 -18.94 -12.38 6.62
CA GLY A 221 -19.61 -13.36 5.78
C GLY A 221 -18.88 -13.79 4.55
N VAL A 222 -17.93 -13.02 4.05
CA VAL A 222 -17.22 -13.40 2.83
C VAL A 222 -16.29 -14.55 3.20
N GLY A 223 -16.30 -15.61 2.40
CA GLY A 223 -15.41 -16.71 2.66
C GLY A 223 -14.11 -16.59 1.88
N LEU A 224 -13.09 -17.23 2.42
CA LEU A 224 -11.78 -17.28 1.76
C LEU A 224 -10.99 -18.38 2.43
N THR A 225 -10.84 -19.51 1.75
CA THR A 225 -10.06 -20.63 2.25
C THR A 225 -8.67 -20.15 2.63
N PRO A 226 -8.19 -20.49 3.83
CA PRO A 226 -6.91 -19.97 4.31
C PRO A 226 -5.75 -20.28 3.38
N LEU A 227 -4.80 -19.36 3.34
CA LEU A 227 -3.52 -19.62 2.72
C LEU A 227 -2.58 -20.33 3.70
N PHE A 228 -2.64 -19.98 4.99
CA PHE A 228 -1.89 -20.67 6.03
C PHE A 228 -2.89 -21.58 6.74
N HIS A 229 -2.96 -22.84 6.32
CA HIS A 229 -3.81 -23.77 7.05
C HIS A 229 -3.14 -24.17 8.37
N GLY A 230 -3.94 -24.69 9.28
CA GLY A 230 -3.51 -24.99 10.63
C GLY A 230 -4.63 -24.67 11.60
N GLY A 231 -5.42 -23.67 11.23
CA GLY A 231 -6.69 -23.38 11.85
C GLY A 231 -6.69 -22.96 13.30
N GLU A 232 -5.54 -22.56 13.84
CA GLU A 232 -5.48 -22.18 15.23
C GLU A 232 -5.72 -20.69 15.46
N HIS A 233 -5.02 -19.85 14.72
CA HIS A 233 -4.96 -18.45 15.08
C HIS A 233 -5.80 -17.65 14.11
N MET A 234 -6.12 -16.41 14.50
CA MET A 234 -6.84 -15.48 13.64
C MET A 234 -8.15 -16.09 13.16
N ASN A 235 -8.94 -16.61 14.13
CA ASN A 235 -10.21 -17.28 13.84
C ASN A 235 -10.03 -18.44 12.85
N GLY A 236 -8.89 -19.12 12.93
CA GLY A 236 -8.57 -20.23 12.06
C GLY A 236 -8.25 -19.87 10.61
N ARG A 237 -8.23 -18.59 10.27
CA ARG A 237 -8.00 -18.18 8.89
C ARG A 237 -6.53 -18.02 8.53
N ARG A 238 -5.66 -17.82 9.50
CA ARG A 238 -4.24 -17.68 9.19
C ARG A 238 -3.47 -18.18 10.39
N SER A 239 -2.83 -19.34 10.25
CA SER A 239 -2.13 -20.02 11.33
C SER A 239 -0.69 -19.53 11.44
N GLY A 240 -0.13 -19.74 12.63
CA GLY A 240 1.22 -19.30 12.93
C GLY A 240 1.23 -18.43 14.18
N THR A 241 2.23 -18.66 15.04
CA THR A 241 2.32 -17.93 16.30
C THR A 241 2.41 -16.43 16.02
N LEU A 242 1.60 -15.67 16.76
CA LEU A 242 1.45 -14.25 16.45
C LEU A 242 2.77 -13.51 16.63
N ASN A 243 3.03 -12.57 15.72
CA ASN A 243 4.16 -11.65 15.82
C ASN A 243 3.73 -10.50 16.72
N VAL A 244 3.72 -10.78 18.02
CA VAL A 244 3.20 -9.84 19.03
C VAL A 244 3.83 -8.43 18.86
N PRO A 245 5.17 -8.31 18.89
CA PRO A 245 5.74 -6.94 18.83
C PRO A 245 5.28 -6.17 17.60
N TYR A 246 5.29 -6.83 16.44
CA TYR A 246 4.90 -6.16 15.21
C TYR A 246 3.40 -5.88 15.15
N ILE A 247 2.58 -6.70 15.82
CA ILE A 247 1.16 -6.39 15.89
C ILE A 247 0.90 -5.11 16.67
N VAL A 248 1.48 -5.01 17.89
CA VAL A 248 1.30 -3.78 18.65
C VAL A 248 1.85 -2.57 17.88
N GLY A 249 3.08 -2.70 17.35
CA GLY A 249 3.67 -1.58 16.63
C GLY A 249 2.83 -1.16 15.45
N MET A 250 2.32 -2.13 14.69
CA MET A 250 1.50 -1.77 13.53
C MET A 250 0.20 -1.10 13.97
N GLY A 251 -0.38 -1.53 15.10
CA GLY A 251 -1.51 -0.78 15.63
C GLY A 251 -1.22 0.68 15.94
N GLU A 252 -0.14 0.95 16.70
CA GLU A 252 0.22 2.33 17.01
C GLU A 252 0.54 3.10 15.74
N ALA A 253 1.14 2.42 14.75
CA ALA A 253 1.51 3.07 13.50
C ALA A 253 0.26 3.44 12.71
N MET A 254 -0.74 2.57 12.73
CA MET A 254 -2.02 2.90 12.11
C MET A 254 -2.64 4.12 12.78
N LYS A 255 -2.61 4.12 14.13
CA LYS A 255 -3.18 5.24 14.87
C LYS A 255 -2.51 6.55 14.48
N LEU A 256 -1.18 6.59 14.56
CA LEU A 256 -0.46 7.78 14.15
C LEU A 256 -0.73 8.14 12.71
N ALA A 257 -0.88 7.15 11.84
CA ALA A 257 -1.09 7.43 10.43
C ALA A 257 -2.42 8.15 10.20
N VAL A 258 -3.48 7.68 10.84
CA VAL A 258 -4.76 8.39 10.68
C VAL A 258 -4.76 9.72 11.42
N GLU A 259 -4.03 9.83 12.53
CA GLU A 259 -3.97 11.09 13.26
C GLU A 259 -3.21 12.19 12.52
N HIS A 260 -2.39 11.82 11.54
CA HIS A 260 -1.55 12.73 10.77
C HIS A 260 -2.08 12.98 9.36
N LEU A 261 -3.35 12.70 9.09
CA LEU A 261 -3.87 12.83 7.72
C LEU A 261 -3.91 14.29 7.26
N ASP A 262 -4.43 15.16 8.12
CA ASP A 262 -4.44 16.59 7.84
C ASP A 262 -3.03 17.11 7.62
N TYR A 263 -2.08 16.71 8.47
CA TYR A 263 -0.70 17.14 8.28
C TYR A 263 -0.13 16.60 6.95
N GLU A 264 -0.49 15.36 6.58
CA GLU A 264 0.02 14.77 5.33
C GLU A 264 -0.47 15.56 4.12
N LYS A 265 -1.77 15.89 4.09
CA LYS A 265 -2.29 16.62 2.93
C LYS A 265 -1.90 18.09 2.96
N GLU A 266 -1.91 18.72 4.14
CA GLU A 266 -1.71 20.17 4.22
C GLU A 266 -0.23 20.51 4.29
N VAL A 267 0.61 19.65 4.87
CA VAL A 267 2.01 20.05 5.01
C VAL A 267 2.88 19.24 4.08
N VAL A 268 2.84 17.91 4.19
CA VAL A 268 3.63 17.07 3.30
C VAL A 268 3.24 17.31 1.84
N GLY A 269 1.94 17.41 1.56
CA GLY A 269 1.52 17.72 0.21
C GLY A 269 1.93 19.11 -0.28
N LYS A 270 1.93 20.09 0.61
CA LYS A 270 2.37 21.43 0.26
C LYS A 270 3.87 21.46 -0.02
N LEU A 271 4.67 20.69 0.74
CA LEU A 271 6.10 20.60 0.45
C LEU A 271 6.33 19.87 -0.85
N ARG A 272 5.50 18.88 -1.14
CA ARG A 272 5.62 18.18 -2.41
C ARG A 272 5.31 19.15 -3.55
N ASP A 273 4.35 20.04 -3.34
CA ASP A 273 4.03 21.05 -4.35
C ASP A 273 5.12 22.10 -4.46
N LYS A 274 5.70 22.49 -3.32
CA LYS A 274 6.84 23.41 -3.30
C LYS A 274 8.01 22.87 -4.08
N LEU A 275 8.37 21.63 -3.76
CA LEU A 275 9.43 20.91 -4.44
C LEU A 275 9.12 20.80 -5.93
N GLU A 276 7.91 20.35 -6.27
CA GLU A 276 7.58 20.04 -7.67
C GLU A 276 7.63 21.26 -8.55
N GLU A 277 7.01 22.30 -8.08
CA GLU A 277 7.00 23.57 -8.81
C GLU A 277 8.40 24.12 -8.94
N ALA A 278 9.22 23.95 -7.87
CA ALA A 278 10.59 24.42 -7.94
C ALA A 278 11.38 23.65 -8.99
N LEU A 279 11.11 22.35 -9.14
CA LEU A 279 11.82 21.52 -10.09
C LEU A 279 11.33 21.67 -11.52
N LEU A 280 10.09 22.14 -11.71
CA LEU A 280 9.54 22.31 -13.05
C LEU A 280 9.99 23.60 -13.69
N LYS A 281 10.78 24.38 -12.96
CA LYS A 281 11.43 25.59 -13.42
C LYS A 281 12.73 25.18 -14.07
N ILE A 282 12.79 23.97 -14.61
CA ILE A 282 14.03 23.55 -15.25
C ILE A 282 13.77 22.92 -16.62
N PRO A 283 14.75 22.93 -17.53
CA PRO A 283 14.43 22.72 -18.94
C PRO A 283 13.87 21.34 -19.19
N ASP A 284 13.16 21.24 -20.30
CA ASP A 284 12.41 20.09 -20.78
C ASP A 284 12.26 18.97 -19.76
N VAL A 285 11.69 19.29 -18.59
CA VAL A 285 11.42 18.32 -17.55
C VAL A 285 9.92 18.24 -17.64
N MET A 286 9.31 17.32 -16.91
CA MET A 286 7.87 17.17 -17.00
C MET A 286 7.45 16.07 -16.05
N VAL A 287 6.36 16.34 -15.33
CA VAL A 287 5.77 15.38 -14.42
C VAL A 287 5.07 14.31 -15.24
N VAL A 288 5.29 13.05 -14.87
CA VAL A 288 4.73 11.92 -15.61
C VAL A 288 3.38 11.63 -14.98
N GLY A 289 2.33 11.98 -15.70
CA GLY A 289 1.06 11.64 -15.20
C GLY A 289 0.28 12.86 -14.76
N ASP A 290 -0.91 12.57 -14.28
CA ASP A 290 -1.82 13.57 -13.77
C ASP A 290 -1.36 14.21 -12.47
N ARG A 291 -1.70 15.49 -12.32
CA ARG A 291 -1.31 16.29 -11.16
C ARG A 291 -2.46 16.65 -10.22
N ILE A 292 -3.67 16.10 -10.40
CA ILE A 292 -4.74 16.53 -9.49
C ILE A 292 -5.18 15.41 -8.55
N HIS A 293 -5.52 14.26 -9.11
CA HIS A 293 -5.99 13.09 -8.37
C HIS A 293 -4.82 12.20 -7.93
N ARG A 294 -3.92 12.77 -7.15
CA ARG A 294 -2.72 12.10 -6.68
C ARG A 294 -2.65 12.18 -5.16
N VAL A 295 -1.97 11.19 -4.60
CA VAL A 295 -1.72 11.17 -3.16
C VAL A 295 -0.79 12.34 -2.83
N PRO A 296 -0.84 12.83 -1.59
CA PRO A 296 -0.15 14.09 -1.29
C PRO A 296 1.37 13.98 -1.30
N ASN A 297 1.95 12.79 -1.27
CA ASN A 297 3.37 12.67 -0.98
C ASN A 297 4.24 12.43 -2.21
N THR A 298 3.65 12.17 -3.39
CA THR A 298 4.39 11.63 -4.52
C THR A 298 4.49 12.61 -5.69
N THR A 299 5.69 12.71 -6.26
CA THR A 299 5.93 13.35 -7.55
C THR A 299 6.81 12.45 -8.40
N LEU A 300 6.49 12.35 -9.68
CA LEU A 300 7.18 11.47 -10.64
C LEU A 300 7.63 12.36 -11.78
N VAL A 301 8.92 12.69 -11.76
CA VAL A 301 9.52 13.66 -12.65
C VAL A 301 10.33 12.93 -13.71
N SER A 302 10.28 13.46 -14.90
CA SER A 302 10.98 12.98 -16.09
C SER A 302 11.97 14.00 -16.62
N VAL A 303 13.12 13.56 -17.11
CA VAL A 303 14.15 14.50 -17.49
C VAL A 303 14.37 14.20 -18.96
N ARG A 304 15.06 15.07 -19.66
CA ARG A 304 15.47 14.91 -21.07
C ARG A 304 15.93 13.50 -21.52
N GLY A 305 17.20 13.30 -21.79
CA GLY A 305 17.80 12.12 -22.37
C GLY A 305 18.82 11.55 -21.43
N ILE A 306 18.88 12.17 -20.24
CA ILE A 306 19.61 11.50 -19.19
C ILE A 306 18.63 10.55 -18.51
N GLU A 307 18.91 9.27 -18.48
CA GLU A 307 18.04 8.27 -17.92
C GLU A 307 17.88 8.57 -16.44
N GLY A 308 16.81 8.12 -15.78
CA GLY A 308 16.67 8.47 -14.37
C GLY A 308 17.67 7.82 -13.42
N GLU A 309 18.14 6.63 -13.75
CA GLU A 309 19.06 5.91 -12.85
C GLU A 309 20.39 6.64 -12.68
N ALA A 310 20.88 7.34 -13.70
CA ALA A 310 22.11 8.10 -13.51
C ALA A 310 21.89 9.21 -12.48
N MET A 311 20.78 9.95 -12.61
CA MET A 311 20.44 10.98 -11.63
C MET A 311 20.32 10.38 -10.24
N LEU A 312 19.84 9.13 -10.14
CA LEU A 312 19.65 8.53 -8.82
C LEU A 312 21.00 8.14 -8.23
N TRP A 313 21.91 7.68 -9.09
CA TRP A 313 23.29 7.50 -8.67
C TRP A 313 23.93 8.77 -8.16
N ASP A 314 23.70 9.88 -8.87
CA ASP A 314 24.26 11.13 -8.43
C ASP A 314 23.70 11.56 -7.06
N LEU A 315 22.37 11.56 -6.92
CA LEU A 315 21.75 11.90 -5.63
C LEU A 315 22.23 11.02 -4.49
N ASN A 316 22.35 9.71 -4.72
CA ASN A 316 22.79 8.86 -3.63
C ASN A 316 24.21 9.18 -3.25
N ARG A 317 25.03 9.56 -4.24
CA ARG A 317 26.36 10.06 -3.94
C ARG A 317 26.30 11.28 -3.05
N SER A 318 25.26 12.11 -3.21
CA SER A 318 25.10 13.26 -2.34
C SER A 318 24.22 12.94 -1.14
N ASN A 319 24.03 11.63 -0.84
CA ASN A 319 23.28 11.15 0.33
C ASN A 319 21.82 11.64 0.29
N ILE A 320 21.22 11.55 -0.90
CA ILE A 320 19.81 11.83 -1.11
C ILE A 320 19.17 10.64 -1.83
N ALA A 321 18.14 10.07 -1.22
CA ALA A 321 17.55 8.81 -1.65
C ALA A 321 16.20 8.94 -2.34
N ALA A 322 16.14 8.52 -3.60
CA ALA A 322 14.86 8.42 -4.30
C ALA A 322 14.85 7.15 -5.14
N SER A 323 13.75 6.92 -5.87
CA SER A 323 13.63 5.68 -6.64
C SER A 323 13.24 5.91 -8.10
N THR A 324 13.17 4.83 -8.91
CA THR A 324 12.64 4.97 -10.26
C THR A 324 11.11 4.78 -10.28
N GLY A 325 10.54 4.93 -11.48
CA GLY A 325 9.12 4.73 -11.75
C GLY A 325 8.70 4.63 -13.21
N THR A 351 12.47 4.73 -16.55
CA THR A 351 12.86 5.93 -17.29
C THR A 351 12.66 7.20 -16.48
N ALA A 352 11.74 7.20 -15.52
CA ALA A 352 11.55 8.41 -14.71
C ALA A 352 12.04 8.26 -13.27
N ILE A 353 12.05 9.41 -12.57
CA ILE A 353 12.48 9.54 -11.16
C ILE A 353 11.23 9.70 -10.28
N ARG A 354 11.01 8.77 -9.35
CA ARG A 354 9.92 8.84 -8.34
C ARG A 354 10.46 9.44 -7.03
N LEU A 355 9.93 10.58 -6.60
CA LEU A 355 10.23 11.19 -5.30
C LEU A 355 9.00 11.12 -4.39
N SER A 356 9.12 10.46 -3.22
CA SER A 356 8.00 10.23 -2.32
C SER A 356 8.31 10.64 -0.88
N LEU A 357 7.60 11.65 -0.38
CA LEU A 357 7.87 12.27 0.91
C LEU A 357 7.13 11.60 2.09
N SER A 358 7.30 12.20 3.27
CA SER A 358 6.67 11.78 4.51
C SER A 358 6.66 12.97 5.45
N ARG A 359 6.05 12.76 6.62
CA ARG A 359 5.92 13.65 7.77
C ARG A 359 7.26 14.06 8.39
N PHE A 360 8.37 13.35 8.17
CA PHE A 360 9.60 13.65 8.89
C PHE A 360 10.54 14.50 8.05
N ASN A 361 10.14 14.85 6.83
CA ASN A 361 10.89 15.75 5.98
C ASN A 361 10.62 17.20 6.43
N THR A 362 11.58 18.07 6.17
CA THR A 362 11.47 19.47 6.54
C THR A 362 11.61 20.32 5.28
N GLU A 363 11.21 21.59 5.39
CA GLU A 363 11.31 22.49 4.26
C GLU A 363 12.76 22.74 3.87
N ALA A 364 13.66 22.78 4.85
CA ALA A 364 15.09 22.89 4.57
C ALA A 364 15.54 21.72 3.70
N GLU A 365 15.10 20.50 4.06
CA GLU A 365 15.41 19.33 3.23
C GLU A 365 14.96 19.58 1.79
N ILE A 366 13.79 20.21 1.60
CA ILE A 366 13.26 20.39 0.25
C ILE A 366 14.07 21.44 -0.52
N ASP A 367 14.38 22.56 0.10
CA ASP A 367 15.24 23.53 -0.58
C ASP A 367 16.54 22.90 -1.03
N LYS A 368 17.19 22.15 -0.11
CA LYS A 368 18.44 21.48 -0.47
C LYS A 368 18.25 20.49 -1.61
N THR A 369 17.15 19.74 -1.61
CA THR A 369 16.92 18.79 -2.70
C THR A 369 16.68 19.48 -4.04
N ILE A 370 16.05 20.65 -4.02
CA ILE A 370 15.89 21.41 -5.25
C ILE A 370 17.25 21.83 -5.78
N GLU A 371 18.12 22.31 -4.88
CA GLU A 371 19.46 22.75 -5.28
C GLU A 371 20.28 21.58 -5.83
N VAL A 372 20.38 20.50 -5.07
CA VAL A 372 21.19 19.35 -5.48
C VAL A 372 20.65 18.74 -6.77
N PHE A 373 19.32 18.75 -6.94
CA PHE A 373 18.73 18.23 -8.18
C PHE A 373 19.15 19.08 -9.37
N SER A 374 19.13 20.40 -9.22
CA SER A 374 19.56 21.27 -10.31
C SER A 374 21.03 21.08 -10.62
N GLN A 375 21.88 21.14 -9.59
CA GLN A 375 23.33 20.99 -9.77
C GLN A 375 23.66 19.66 -10.45
N ALA A 376 23.01 18.57 -10.01
CA ALA A 376 23.21 17.27 -10.64
C ALA A 376 22.74 17.32 -12.08
N ALA A 377 21.63 18.03 -12.32
CA ALA A 377 21.08 18.09 -13.67
C ALA A 377 22.02 18.80 -14.66
N VAL A 378 22.53 19.99 -14.30
CA VAL A 378 23.45 20.66 -15.21
C VAL A 378 24.79 19.92 -15.32
N ARG A 379 25.22 19.26 -14.24
CA ARG A 379 26.48 18.55 -14.42
C ARG A 379 26.24 17.16 -15.04
N LEU A 380 24.99 16.81 -15.32
CA LEU A 380 24.69 15.63 -16.13
C LEU A 380 24.37 15.98 -17.57
N ARG A 381 24.01 17.23 -17.86
CA ARG A 381 23.58 17.60 -19.20
C ARG A 381 24.71 17.47 -20.22
N ASN A 382 25.93 17.79 -19.82
CA ASN A 382 27.12 17.62 -20.64
C ASN A 382 27.15 16.32 -21.42
N ILE A 383 26.32 16.19 -22.46
CA ILE A 383 26.31 14.95 -23.24
C ILE A 383 27.52 14.92 -24.15
N SER A 384 28.23 13.79 -24.16
CA SER A 384 29.53 13.63 -24.80
C SER A 384 30.48 14.75 -24.40
C1 IPA B . -9.54 -12.48 14.83
C2 IPA B . -10.23 -11.12 14.73
C3 IPA B . -10.23 -10.46 16.10
O2 IPA B . -9.54 -10.32 13.81
N C6P C . 5.94 -1.79 -3.03
C C6P C . 7.77 -0.48 -3.98
O C6P C . 6.86 0.13 -4.61
P C6P C . 5.17 -5.92 0.76
OP3 C6P C . 4.65 -7.27 0.46
OP1 C6P C . 5.00 -5.55 2.34
OP2 C6P C . 6.75 -5.80 0.46
OP4 C6P C . 4.48 -4.79 -0.10
C5M C6P C . 4.39 -4.98 -1.51
C5 C6P C . 3.49 -4.06 -2.00
C6 C6P C . 2.15 -4.39 -2.18
N1 C6P C . 1.24 -3.44 -2.66
C2 C6P C . 1.65 -2.20 -2.96
C2A C6P C . 0.74 -1.26 -3.43
C3 C6P C . 2.98 -1.86 -2.77
O3 C6P C . 3.38 -0.59 -3.07
C4 C6P C . 3.93 -2.77 -2.31
C4A C6P C . 5.28 -2.46 -2.09
CA C6P C . 7.34 -1.35 -2.81
OXT C6P C . 9.00 -0.40 -4.21
CB C6P C . 8.29 -2.54 -2.64
SG C6P C . 8.27 -3.80 -3.98
#